data_1B6B
#
_entry.id   1B6B
#
_cell.length_a   56.610
_cell.length_b   56.610
_cell.length_c   207.750
_cell.angle_alpha   90.00
_cell.angle_beta   90.00
_cell.angle_gamma   120.00
#
_symmetry.space_group_name_H-M   'P 61'
#
loop_
_entity.id
_entity.type
_entity.pdbx_description
1 polymer 'PROTEIN (ARYLALKYLAMINE N-ACETYLTRANSFERASE)'
2 water water
#
_entity_poly.entity_id   1
_entity_poly.type   'polypeptide(L)'
_entity_poly.pdbx_seq_one_letter_code
;RRHTLPANEFRCLTPEDAAGVFEIEREAFISVSGNCPLNLDEVQHFLTLCPELSLGWFVEGRLVAFIIGSLWDEERLTQE
SLALHRPRGHSAHLHALAVHRSFRQQGKGSVLLWRYLHHVGAQPAVRRAVLMCEDALVPFYQRFGFHPAGPCAIVVGSLT
FTEMHCSLRGHAAL
;
_entity_poly.pdbx_strand_id   A,B
#
# COMPACT_ATOMS: atom_id res chain seq x y z
N ALA A 7 13.66 7.36 -13.88
CA ALA A 7 12.85 7.96 -12.83
C ALA A 7 11.71 7.02 -12.40
N ASN A 8 10.84 7.52 -11.51
CA ASN A 8 9.70 6.73 -11.02
C ASN A 8 8.74 7.63 -10.19
N GLU A 9 7.79 8.26 -10.87
CA GLU A 9 6.84 9.16 -10.22
C GLU A 9 5.37 8.77 -10.29
N PHE A 10 4.62 9.13 -9.26
CA PHE A 10 3.20 8.83 -9.19
C PHE A 10 2.43 10.12 -8.98
N ARG A 11 1.83 10.63 -10.06
CA ARG A 11 1.06 11.87 -10.00
C ARG A 11 -0.23 11.78 -10.82
N CYS A 12 -1.13 12.74 -10.62
CA CYS A 12 -2.40 12.75 -11.34
C CYS A 12 -2.17 12.95 -12.85
N LEU A 13 -3.20 12.64 -13.65
CA LEU A 13 -3.13 12.78 -15.10
C LEU A 13 -3.72 14.10 -15.58
N THR A 14 -3.39 14.43 -16.83
CA THR A 14 -3.84 15.66 -17.46
C THR A 14 -4.40 15.29 -18.82
N PRO A 15 -5.21 16.18 -19.41
CA PRO A 15 -5.78 15.92 -20.74
C PRO A 15 -4.67 15.56 -21.73
N GLU A 16 -3.51 16.20 -21.54
CA GLU A 16 -2.34 15.98 -22.38
C GLU A 16 -1.97 14.52 -22.32
N ASP A 17 -1.82 13.99 -21.11
CA ASP A 17 -1.47 12.58 -20.91
C ASP A 17 -2.43 11.67 -21.66
N ALA A 18 -3.72 11.92 -21.47
CA ALA A 18 -4.77 11.14 -22.12
C ALA A 18 -4.55 11.17 -23.61
N ALA A 19 -4.36 12.37 -24.14
CA ALA A 19 -4.14 12.56 -25.56
C ALA A 19 -2.94 11.74 -26.02
N GLY A 20 -1.90 11.69 -25.20
CA GLY A 20 -0.71 10.94 -25.53
C GLY A 20 -0.96 9.44 -25.62
N VAL A 21 -1.95 8.97 -24.87
CA VAL A 21 -2.32 7.57 -24.86
C VAL A 21 -3.09 7.20 -26.12
N PHE A 22 -3.99 8.08 -26.54
CA PHE A 22 -4.82 7.87 -27.73
C PHE A 22 -4.07 7.93 -29.06
N GLU A 23 -2.99 8.70 -29.13
CA GLU A 23 -2.23 8.84 -30.37
C GLU A 23 -1.23 7.73 -30.72
N ILE A 24 -1.30 6.60 -30.03
CA ILE A 24 -0.39 5.50 -30.33
C ILE A 24 -1.19 4.18 -30.49
N GLU A 25 -0.51 3.04 -30.53
CA GLU A 25 -1.16 1.74 -30.72
C GLU A 25 -2.16 1.28 -29.65
N ARG A 26 -1.90 0.14 -28.97
CA ARG A 26 -2.82 -0.39 -27.95
C ARG A 26 -2.12 -1.00 -26.73
N GLU A 27 -2.66 -0.73 -25.53
CA GLU A 27 -2.12 -1.22 -24.25
C GLU A 27 -3.07 -2.04 -23.36
N ALA A 28 -2.53 -3.07 -22.71
CA ALA A 28 -3.25 -4.04 -21.87
C ALA A 28 -4.22 -3.62 -20.75
N PHE A 29 -5.22 -4.47 -20.56
CA PHE A 29 -6.25 -4.30 -19.54
C PHE A 29 -5.69 -4.99 -18.32
N ILE A 30 -6.29 -4.71 -17.17
CA ILE A 30 -5.83 -5.33 -15.94
C ILE A 30 -6.11 -6.82 -15.86
N SER A 31 -5.02 -7.59 -15.96
CA SER A 31 -5.04 -9.04 -15.87
C SER A 31 -6.31 -9.76 -16.35
N VAL A 32 -6.87 -9.33 -17.46
CA VAL A 32 -8.06 -9.98 -17.97
C VAL A 32 -8.17 -9.88 -19.47
N SER A 33 -8.54 -10.98 -20.09
CA SER A 33 -8.74 -11.05 -21.53
C SER A 33 -10.25 -10.91 -21.75
N GLY A 34 -10.66 -10.74 -23.00
CA GLY A 34 -12.06 -10.56 -23.29
C GLY A 34 -12.36 -9.11 -22.99
N ASN A 35 -12.38 -8.76 -21.71
CA ASN A 35 -12.64 -7.39 -21.29
C ASN A 35 -11.40 -6.53 -21.49
N CYS A 36 -11.07 -6.33 -22.75
CA CYS A 36 -9.93 -5.55 -23.12
C CYS A 36 -10.20 -4.09 -22.78
N PRO A 37 -9.14 -3.28 -22.65
CA PRO A 37 -9.19 -1.85 -22.32
C PRO A 37 -10.11 -1.00 -23.20
N LEU A 38 -11.07 -0.35 -22.58
CA LEU A 38 -11.98 0.51 -23.30
C LEU A 38 -11.84 1.92 -22.73
N ASN A 39 -11.06 2.74 -23.42
CA ASN A 39 -10.82 4.12 -23.00
C ASN A 39 -11.63 5.04 -23.88
N LEU A 40 -12.31 4.45 -24.86
CA LEU A 40 -13.10 5.19 -25.84
C LEU A 40 -13.94 6.33 -25.30
N ASP A 41 -13.27 7.43 -24.98
CA ASP A 41 -13.87 8.66 -24.47
C ASP A 41 -14.74 8.52 -23.24
N GLU A 42 -15.23 7.32 -22.98
CA GLU A 42 -16.08 7.10 -21.84
C GLU A 42 -15.30 7.56 -20.61
N VAL A 43 -13.98 7.65 -20.76
CA VAL A 43 -13.10 8.09 -19.67
C VAL A 43 -12.33 9.38 -19.92
N GLN A 44 -12.00 9.66 -21.17
CA GLN A 44 -11.22 10.86 -21.48
C GLN A 44 -11.76 12.17 -20.86
N HIS A 45 -13.07 12.36 -20.84
CA HIS A 45 -13.63 13.58 -20.26
C HIS A 45 -13.34 13.72 -18.74
N PHE A 46 -13.04 12.60 -18.08
CA PHE A 46 -12.75 12.61 -16.64
C PHE A 46 -11.49 13.41 -16.32
N LEU A 47 -10.56 13.43 -17.26
CA LEU A 47 -9.32 14.17 -17.10
C LEU A 47 -9.52 15.69 -17.25
N THR A 48 -10.78 16.06 -17.46
CA THR A 48 -11.22 17.44 -17.61
C THR A 48 -12.11 17.78 -16.42
N LEU A 49 -13.07 16.91 -16.13
CA LEU A 49 -13.99 17.14 -15.02
C LEU A 49 -13.38 16.88 -13.66
N CYS A 50 -12.41 15.98 -13.59
CA CYS A 50 -11.80 15.62 -12.31
C CYS A 50 -10.47 14.88 -12.40
N PRO A 51 -9.39 15.57 -12.80
CA PRO A 51 -8.08 14.92 -12.91
C PRO A 51 -7.57 14.42 -11.55
N GLU A 52 -8.09 14.98 -10.45
CA GLU A 52 -7.68 14.56 -9.09
C GLU A 52 -7.97 13.10 -8.84
N LEU A 53 -8.89 12.53 -9.61
CA LEU A 53 -9.24 11.12 -9.44
C LEU A 53 -8.57 10.17 -10.40
N SER A 54 -7.42 10.60 -10.93
CA SER A 54 -6.63 9.79 -11.83
C SER A 54 -5.24 9.73 -11.18
N LEU A 55 -4.47 8.71 -11.51
CA LEU A 55 -3.14 8.58 -10.95
C LEU A 55 -2.31 7.75 -11.93
N GLY A 56 -1.24 8.35 -12.44
CA GLY A 56 -0.36 7.68 -13.37
C GLY A 56 1.00 7.33 -12.79
N TRP A 57 1.62 6.30 -13.36
CA TRP A 57 2.92 5.81 -12.96
C TRP A 57 3.89 6.16 -14.08
N PHE A 58 4.87 7.00 -13.79
CA PHE A 58 5.84 7.41 -14.81
C PHE A 58 7.27 6.98 -14.52
N VAL A 59 7.90 6.38 -15.51
CA VAL A 59 9.29 5.95 -15.41
C VAL A 59 10.06 6.85 -16.39
N GLU A 60 10.98 7.66 -15.86
CA GLU A 60 11.75 8.60 -16.69
C GLU A 60 10.78 9.40 -17.54
N GLY A 61 9.62 9.70 -16.98
CA GLY A 61 8.61 10.45 -17.70
C GLY A 61 7.59 9.61 -18.45
N ARG A 62 7.94 8.39 -18.86
CA ARG A 62 7.04 7.51 -19.60
C ARG A 62 5.91 6.88 -18.75
N LEU A 63 4.66 7.11 -19.18
CA LEU A 63 3.47 6.59 -18.50
C LEU A 63 3.40 5.08 -18.69
N VAL A 64 3.61 4.35 -17.59
CA VAL A 64 3.62 2.89 -17.59
C VAL A 64 2.31 2.26 -17.09
N ALA A 65 1.50 3.03 -16.36
CA ALA A 65 0.23 2.52 -15.83
C ALA A 65 -0.59 3.67 -15.28
N PHE A 66 -1.91 3.51 -15.20
CA PHE A 66 -2.76 4.58 -14.67
C PHE A 66 -4.18 4.12 -14.33
N ILE A 67 -4.87 4.94 -13.54
CA ILE A 67 -6.24 4.70 -13.16
C ILE A 67 -6.97 6.00 -13.33
N ILE A 68 -8.17 5.94 -13.89
CA ILE A 68 -8.99 7.11 -14.13
C ILE A 68 -10.33 6.93 -13.42
N GLY A 69 -10.68 7.86 -12.54
CA GLY A 69 -11.92 7.73 -11.83
C GLY A 69 -12.68 9.03 -11.77
N SER A 70 -13.74 9.03 -10.99
CA SER A 70 -14.57 10.20 -10.81
C SER A 70 -15.30 9.98 -9.51
N LEU A 71 -16.05 10.98 -9.08
CA LEU A 71 -16.80 10.88 -7.84
C LEU A 71 -18.26 10.48 -8.05
N TRP A 72 -18.76 9.63 -7.17
CA TRP A 72 -20.13 9.19 -7.21
C TRP A 72 -20.74 9.61 -5.87
N ASP A 73 -21.99 10.04 -5.91
CA ASP A 73 -22.64 10.51 -4.69
C ASP A 73 -23.84 9.69 -4.24
N GLU A 74 -23.86 8.41 -4.54
CA GLU A 74 -24.97 7.57 -4.13
C GLU A 74 -24.45 6.25 -3.59
N GLU A 75 -25.30 5.58 -2.82
CA GLU A 75 -24.96 4.31 -2.20
C GLU A 75 -24.65 3.21 -3.23
N ARG A 76 -25.42 3.18 -4.29
CA ARG A 76 -25.24 2.17 -5.32
C ARG A 76 -24.90 2.80 -6.66
N LEU A 77 -24.28 2.02 -7.53
CA LEU A 77 -23.92 2.48 -8.86
C LEU A 77 -25.12 2.33 -9.79
N THR A 78 -25.12 3.14 -10.84
CA THR A 78 -26.20 3.14 -11.82
C THR A 78 -25.56 3.16 -13.20
N GLN A 79 -26.34 2.87 -14.23
CA GLN A 79 -25.80 2.90 -15.59
C GLN A 79 -25.15 4.26 -15.89
N GLU A 80 -25.81 5.33 -15.47
CA GLU A 80 -25.32 6.68 -15.70
C GLU A 80 -24.05 7.02 -14.93
N SER A 81 -23.86 6.44 -13.74
CA SER A 81 -22.68 6.72 -12.92
C SER A 81 -21.37 6.44 -13.64
N LEU A 82 -21.38 5.40 -14.46
CA LEU A 82 -20.23 4.96 -15.25
C LEU A 82 -19.56 6.04 -16.10
N ALA A 83 -20.28 7.12 -16.36
CA ALA A 83 -19.74 8.23 -17.16
C ALA A 83 -20.03 9.59 -16.53
N LEU A 84 -20.41 9.59 -15.25
CA LEU A 84 -20.73 10.82 -14.55
C LEU A 84 -19.74 11.18 -13.46
N HIS A 85 -19.76 12.44 -13.05
CA HIS A 85 -18.92 12.95 -11.99
C HIS A 85 -19.76 13.89 -11.12
N ARG A 86 -20.06 13.44 -9.92
CA ARG A 86 -20.85 14.24 -8.98
C ARG A 86 -19.84 14.86 -8.01
N PRO A 87 -19.51 16.16 -8.20
CA PRO A 87 -18.56 16.96 -7.43
C PRO A 87 -18.57 16.83 -5.90
N ARG A 88 -19.74 16.90 -5.29
CA ARG A 88 -19.86 16.79 -3.84
C ARG A 88 -20.16 15.35 -3.46
N GLY A 89 -19.43 14.41 -4.07
CA GLY A 89 -19.64 13.01 -3.80
C GLY A 89 -18.61 12.40 -2.88
N HIS A 90 -18.97 11.34 -2.17
CA HIS A 90 -18.06 10.72 -1.23
C HIS A 90 -17.44 9.37 -1.66
N SER A 91 -17.60 8.99 -2.92
CA SER A 91 -17.02 7.73 -3.39
C SER A 91 -16.17 7.88 -4.63
N ALA A 92 -15.00 7.23 -4.63
CA ALA A 92 -14.11 7.25 -5.80
C ALA A 92 -14.50 6.10 -6.72
N HIS A 93 -15.15 6.44 -7.82
CA HIS A 93 -15.60 5.46 -8.79
C HIS A 93 -14.47 5.19 -9.79
N LEU A 94 -13.94 3.98 -9.74
CA LEU A 94 -12.87 3.58 -10.63
C LEU A 94 -13.49 3.26 -11.99
N HIS A 95 -12.94 3.83 -13.05
CA HIS A 95 -13.44 3.61 -14.40
C HIS A 95 -12.51 2.80 -15.30
N ALA A 96 -11.21 2.87 -15.05
CA ALA A 96 -10.24 2.13 -15.85
C ALA A 96 -8.89 1.95 -15.14
N LEU A 97 -8.33 0.75 -15.22
CA LEU A 97 -7.04 0.43 -14.62
C LEU A 97 -6.23 -0.20 -15.76
N ALA A 98 -5.25 0.54 -16.25
CA ALA A 98 -4.45 0.07 -17.37
C ALA A 98 -2.98 -0.05 -17.05
N VAL A 99 -2.39 -1.14 -17.49
CA VAL A 99 -0.97 -1.42 -17.31
C VAL A 99 -0.38 -1.29 -18.70
N HIS A 100 0.35 -0.20 -18.93
CA HIS A 100 0.91 0.07 -20.23
C HIS A 100 2.09 -0.76 -20.71
N ARG A 101 2.48 -0.49 -21.96
CA ARG A 101 3.57 -1.14 -22.68
C ARG A 101 3.79 -2.58 -22.24
N SER A 102 2.69 -3.27 -21.94
CA SER A 102 2.72 -4.65 -21.48
C SER A 102 3.74 -4.91 -20.36
N PHE A 103 3.47 -4.35 -19.19
CA PHE A 103 4.30 -4.57 -18.01
C PHE A 103 3.50 -5.56 -17.18
N ARG A 104 2.85 -6.49 -17.90
CA ARG A 104 2.00 -7.52 -17.31
C ARG A 104 2.84 -8.41 -16.39
N GLN A 105 2.16 -9.03 -15.42
CA GLN A 105 2.79 -9.94 -14.46
C GLN A 105 3.95 -9.39 -13.61
N GLN A 106 4.06 -8.07 -13.48
CA GLN A 106 5.12 -7.47 -12.69
C GLN A 106 4.62 -6.84 -11.38
N GLY A 107 3.33 -7.04 -11.09
CA GLY A 107 2.75 -6.50 -9.89
C GLY A 107 2.43 -5.02 -9.95
N LYS A 108 2.62 -4.41 -11.11
CA LYS A 108 2.37 -2.98 -11.27
C LYS A 108 0.90 -2.57 -11.14
N GLY A 109 0.01 -3.50 -11.46
CA GLY A 109 -1.41 -3.21 -11.36
C GLY A 109 -1.78 -3.01 -9.92
N SER A 110 -1.34 -3.92 -9.06
CA SER A 110 -1.64 -3.83 -7.62
C SER A 110 -0.96 -2.64 -6.96
N VAL A 111 0.30 -2.41 -7.31
CA VAL A 111 1.06 -1.31 -6.74
C VAL A 111 0.33 0.00 -7.00
N LEU A 112 -0.09 0.20 -8.24
CA LEU A 112 -0.80 1.41 -8.63
C LEU A 112 -2.13 1.55 -7.89
N LEU A 113 -2.86 0.45 -7.80
CA LEU A 113 -4.17 0.44 -7.15
C LEU A 113 -4.04 0.78 -5.66
N TRP A 114 -3.06 0.16 -5.01
CA TRP A 114 -2.77 0.38 -3.60
C TRP A 114 -2.54 1.90 -3.40
N ARG A 115 -1.72 2.49 -4.26
CA ARG A 115 -1.42 3.90 -4.19
C ARG A 115 -2.61 4.77 -4.56
N TYR A 116 -3.43 4.32 -5.49
CA TYR A 116 -4.59 5.10 -5.92
C TYR A 116 -5.59 5.25 -4.77
N LEU A 117 -5.90 4.16 -4.10
CA LEU A 117 -6.85 4.19 -2.99
C LEU A 117 -6.34 5.09 -1.84
N HIS A 118 -5.03 5.07 -1.62
CA HIS A 118 -4.42 5.89 -0.59
C HIS A 118 -4.45 7.36 -1.03
N HIS A 119 -4.20 7.60 -2.31
CA HIS A 119 -4.22 8.95 -2.89
C HIS A 119 -5.62 9.59 -2.72
N VAL A 120 -6.66 8.88 -3.17
CA VAL A 120 -8.04 9.38 -3.08
C VAL A 120 -8.61 9.32 -1.66
N GLY A 121 -8.09 8.40 -0.86
CA GLY A 121 -8.55 8.29 0.52
C GLY A 121 -8.05 9.44 1.40
N ALA A 122 -7.04 10.16 0.90
CA ALA A 122 -6.45 11.30 1.61
C ALA A 122 -7.36 12.52 1.53
N GLN A 123 -8.22 12.55 0.53
CA GLN A 123 -9.16 13.64 0.34
C GLN A 123 -10.23 13.38 1.40
N PRO A 124 -10.49 14.38 2.26
CA PRO A 124 -11.47 14.29 3.35
C PRO A 124 -12.89 13.84 3.01
N ALA A 125 -13.34 14.13 1.79
CA ALA A 125 -14.69 13.74 1.40
C ALA A 125 -14.78 12.34 0.81
N VAL A 126 -13.69 11.84 0.22
CA VAL A 126 -13.68 10.51 -0.40
C VAL A 126 -13.58 9.39 0.64
N ARG A 127 -14.73 8.99 1.18
CA ARG A 127 -14.86 7.96 2.20
C ARG A 127 -14.78 6.49 1.74
N ARG A 128 -14.90 6.26 0.43
CA ARG A 128 -14.85 4.91 -0.11
C ARG A 128 -14.67 4.81 -1.62
N ALA A 129 -14.11 3.68 -2.06
CA ALA A 129 -13.89 3.39 -3.48
C ALA A 129 -14.97 2.43 -3.98
N VAL A 130 -15.41 2.65 -5.20
CA VAL A 130 -16.46 1.86 -5.77
C VAL A 130 -16.13 1.53 -7.22
N LEU A 131 -16.51 0.33 -7.66
CA LEU A 131 -16.28 -0.10 -9.04
C LEU A 131 -17.16 -1.26 -9.48
N MET A 132 -17.15 -1.52 -10.79
CA MET A 132 -17.91 -2.60 -11.42
C MET A 132 -16.87 -3.53 -12.04
N CYS A 133 -17.07 -4.83 -11.95
CA CYS A 133 -16.08 -5.73 -12.56
C CYS A 133 -16.64 -7.09 -12.91
N GLU A 134 -15.96 -7.76 -13.85
CA GLU A 134 -16.34 -9.09 -14.29
C GLU A 134 -16.09 -10.06 -13.15
N ASP A 135 -16.97 -11.03 -12.99
CA ASP A 135 -16.85 -12.03 -11.94
C ASP A 135 -15.42 -12.55 -11.78
N ALA A 136 -14.73 -12.72 -12.90
CA ALA A 136 -13.36 -13.23 -12.93
C ALA A 136 -12.41 -12.37 -12.13
N LEU A 137 -12.63 -11.06 -12.17
CA LEU A 137 -11.76 -10.14 -11.45
C LEU A 137 -12.15 -9.85 -10.01
N VAL A 138 -13.29 -10.38 -9.57
CA VAL A 138 -13.73 -10.14 -8.20
C VAL A 138 -12.65 -10.50 -7.18
N PRO A 139 -12.16 -11.76 -7.16
CA PRO A 139 -11.11 -12.16 -6.20
C PRO A 139 -9.91 -11.22 -6.23
N PHE A 140 -9.65 -10.65 -7.41
CA PHE A 140 -8.54 -9.73 -7.57
C PHE A 140 -8.79 -8.47 -6.74
N TYR A 141 -9.91 -7.80 -6.98
CA TYR A 141 -10.23 -6.58 -6.26
C TYR A 141 -10.40 -6.77 -4.77
N GLN A 142 -10.68 -8.00 -4.35
CA GLN A 142 -10.83 -8.28 -2.93
C GLN A 142 -9.50 -8.18 -2.22
N ARG A 143 -8.40 -8.38 -2.95
CA ARG A 143 -7.06 -8.30 -2.38
C ARG A 143 -6.73 -6.91 -1.82
N PHE A 144 -7.42 -5.89 -2.35
CA PHE A 144 -7.20 -4.51 -1.98
C PHE A 144 -8.23 -3.90 -1.05
N GLY A 145 -9.10 -4.73 -0.50
CA GLY A 145 -10.10 -4.20 0.41
C GLY A 145 -11.52 -4.18 -0.13
N PHE A 146 -11.70 -4.46 -1.41
CA PHE A 146 -13.05 -4.47 -1.99
C PHE A 146 -13.88 -5.67 -1.57
N HIS A 147 -15.19 -5.46 -1.51
CA HIS A 147 -16.17 -6.49 -1.15
C HIS A 147 -17.34 -6.38 -2.12
N PRO A 148 -17.91 -7.52 -2.54
CA PRO A 148 -19.05 -7.47 -3.47
C PRO A 148 -20.25 -6.88 -2.76
N ALA A 149 -20.70 -5.71 -3.21
CA ALA A 149 -21.84 -5.03 -2.60
C ALA A 149 -23.14 -5.78 -2.87
N GLY A 150 -23.27 -6.32 -4.08
CA GLY A 150 -24.48 -7.05 -4.42
C GLY A 150 -24.88 -6.98 -5.89
N PRO A 151 -26.17 -6.68 -6.16
CA PRO A 151 -26.82 -6.56 -7.47
C PRO A 151 -26.14 -5.66 -8.52
N CYS A 152 -26.59 -4.41 -8.61
CA CYS A 152 -26.06 -3.42 -9.56
C CYS A 152 -26.12 -3.96 -11.00
N ALA A 153 -27.27 -3.79 -11.62
CA ALA A 153 -27.47 -4.27 -12.98
C ALA A 153 -26.85 -3.40 -14.07
N ILE A 154 -25.54 -3.16 -13.99
CA ILE A 154 -24.86 -2.38 -15.03
C ILE A 154 -24.42 -3.42 -16.05
N VAL A 155 -24.50 -3.07 -17.33
CA VAL A 155 -24.11 -3.98 -18.39
C VAL A 155 -23.28 -3.32 -19.48
N VAL A 156 -21.97 -3.55 -19.43
CA VAL A 156 -21.09 -3.01 -20.45
C VAL A 156 -21.11 -4.08 -21.55
N GLY A 157 -21.82 -3.79 -22.63
CA GLY A 157 -21.95 -4.73 -23.72
C GLY A 157 -23.21 -5.52 -23.42
N SER A 158 -23.03 -6.72 -22.92
CA SER A 158 -24.14 -7.60 -22.56
C SER A 158 -23.80 -8.27 -21.24
N LEU A 159 -22.57 -8.05 -20.80
CA LEU A 159 -22.02 -8.64 -19.57
C LEU A 159 -22.63 -8.06 -18.28
N THR A 160 -22.88 -8.94 -17.31
CA THR A 160 -23.42 -8.52 -16.02
C THR A 160 -22.24 -8.45 -15.05
N PHE A 161 -21.93 -7.25 -14.59
CA PHE A 161 -20.81 -7.05 -13.66
C PHE A 161 -21.20 -7.07 -12.20
N THR A 162 -20.25 -7.42 -11.36
CA THR A 162 -20.42 -7.44 -9.90
C THR A 162 -19.93 -6.10 -9.38
N GLU A 163 -20.76 -5.46 -8.55
CA GLU A 163 -20.43 -4.19 -7.93
C GLU A 163 -19.56 -4.40 -6.68
N MET A 164 -18.43 -3.70 -6.65
CA MET A 164 -17.46 -3.79 -5.54
C MET A 164 -17.34 -2.47 -4.77
N HIS A 165 -17.23 -2.56 -3.45
CA HIS A 165 -17.10 -1.39 -2.59
C HIS A 165 -15.88 -1.55 -1.71
N CYS A 166 -15.25 -0.44 -1.37
CA CYS A 166 -14.08 -0.48 -0.50
C CYS A 166 -14.05 0.73 0.40
N SER A 167 -14.31 0.53 1.69
CA SER A 167 -14.26 1.65 2.64
C SER A 167 -12.81 2.11 2.76
N LEU A 168 -12.60 3.42 2.65
CA LEU A 168 -11.26 3.99 2.76
C LEU A 168 -11.02 4.47 4.19
N ARG A 169 -12.07 4.45 5.00
CA ARG A 169 -12.02 4.87 6.41
C ARG A 169 -12.05 3.65 7.34
N GLY A 170 -10.95 3.39 8.05
CA GLY A 170 -10.90 2.25 8.96
C GLY A 170 -10.05 2.48 10.21
N HIS A 171 -10.44 1.85 11.32
CA HIS A 171 -9.72 1.99 12.60
C HIS A 171 -8.47 1.13 12.60
N ALA A 172 -7.34 1.77 12.31
CA ALA A 172 -6.06 1.07 12.27
C ALA A 172 -5.59 0.60 13.64
N ALA A 173 -5.35 -0.70 13.73
CA ALA A 173 -4.87 -1.30 14.97
C ALA A 173 -3.82 -2.38 14.64
N LEU A 174 -3.93 -2.97 13.45
CA LEU A 174 -3.00 -4.00 13.02
C LEU A 174 -3.15 -4.18 11.51
N ASN B 8 5.42 4.15 31.03
CA ASN B 8 5.55 4.02 29.59
C ASN B 8 6.81 4.72 29.12
N GLU B 9 7.84 3.93 28.83
CA GLU B 9 9.12 4.44 28.37
C GLU B 9 9.57 3.71 27.09
N PHE B 10 10.13 4.44 26.15
CA PHE B 10 10.58 3.83 24.90
C PHE B 10 12.07 4.04 24.78
N ARG B 11 12.79 2.95 24.61
CA ARG B 11 14.24 3.00 24.48
C ARG B 11 14.68 1.81 23.62
N CYS B 12 15.92 1.82 23.15
CA CYS B 12 16.45 0.72 22.34
C CYS B 12 16.65 -0.49 23.26
N LEU B 13 16.30 -1.68 22.78
CA LEU B 13 16.43 -2.92 23.56
C LEU B 13 17.88 -3.35 23.72
N THR B 14 18.14 -4.15 24.74
CA THR B 14 19.48 -4.67 25.05
C THR B 14 19.32 -6.17 25.28
N PRO B 15 20.32 -6.98 24.86
CA PRO B 15 20.27 -8.43 25.04
C PRO B 15 19.78 -8.83 26.42
N GLU B 16 20.11 -8.03 27.43
CA GLU B 16 19.70 -8.28 28.80
C GLU B 16 18.19 -8.45 28.86
N ASP B 17 17.44 -7.43 28.44
CA ASP B 17 15.97 -7.54 28.47
C ASP B 17 15.41 -8.45 27.38
N ALA B 18 16.26 -8.84 26.45
CA ALA B 18 15.86 -9.75 25.38
C ALA B 18 15.78 -11.15 25.98
N ALA B 19 16.54 -11.37 27.05
CA ALA B 19 16.55 -12.64 27.76
C ALA B 19 15.20 -12.87 28.40
N GLY B 20 14.43 -11.80 28.56
CA GLY B 20 13.11 -11.88 29.16
C GLY B 20 12.08 -12.45 28.19
N VAL B 21 12.49 -13.46 27.42
CA VAL B 21 11.62 -14.12 26.45
C VAL B 21 10.84 -15.26 27.10
N PHE B 22 10.74 -15.23 28.44
CA PHE B 22 9.97 -16.24 29.17
C PHE B 22 8.48 -15.96 28.90
N GLU B 23 8.19 -14.75 28.44
CA GLU B 23 6.84 -14.32 28.10
C GLU B 23 6.62 -14.42 26.60
N ILE B 24 5.41 -14.85 26.20
CA ILE B 24 5.04 -15.01 24.78
C ILE B 24 4.42 -13.71 24.25
N GLU B 25 4.95 -13.21 23.13
CA GLU B 25 4.46 -11.98 22.51
C GLU B 25 4.03 -12.24 21.07
N ARG B 26 2.83 -11.75 20.71
CA ARG B 26 2.28 -11.94 19.38
C ARG B 26 2.83 -10.93 18.36
N GLU B 27 3.22 -11.41 17.18
CA GLU B 27 3.75 -10.53 16.15
C GLU B 27 2.61 -9.70 15.53
N ALA B 28 2.26 -8.60 16.19
CA ALA B 28 1.18 -7.71 15.77
C ALA B 28 1.05 -7.48 14.27
N PHE B 29 2.19 -7.22 13.61
CA PHE B 29 2.18 -6.98 12.17
C PHE B 29 3.60 -7.03 11.58
N ASP B 41 12.12 -14.96 18.43
CA ASP B 41 13.34 -15.74 18.50
C ASP B 41 14.11 -15.61 17.19
N GLU B 42 15.41 -15.87 17.23
CA GLU B 42 16.31 -15.80 16.06
C GLU B 42 16.67 -14.36 15.64
N VAL B 43 15.91 -13.39 16.13
CA VAL B 43 16.14 -11.98 15.81
C VAL B 43 16.94 -11.29 16.92
N GLN B 44 17.04 -11.93 18.08
CA GLN B 44 17.80 -11.38 19.21
C GLN B 44 19.24 -11.08 18.78
N HIS B 45 19.70 -11.81 17.79
CA HIS B 45 21.04 -11.66 17.23
C HIS B 45 21.32 -10.20 16.91
N PHE B 46 20.26 -9.47 16.52
CA PHE B 46 20.39 -8.07 16.15
C PHE B 46 20.54 -7.14 17.33
N LEU B 47 20.11 -7.56 18.50
CA LEU B 47 20.25 -6.72 19.69
C LEU B 47 21.72 -6.64 20.12
N THR B 48 22.56 -7.43 19.46
CA THR B 48 24.00 -7.44 19.71
C THR B 48 24.66 -6.66 18.58
N LEU B 49 24.37 -7.04 17.34
CA LEU B 49 24.92 -6.38 16.15
C LEU B 49 24.47 -4.93 15.97
N CYS B 50 23.16 -4.70 16.09
CA CYS B 50 22.59 -3.35 15.91
C CYS B 50 21.38 -3.06 16.81
N PRO B 51 21.58 -3.05 18.14
CA PRO B 51 20.46 -2.77 19.03
C PRO B 51 19.86 -1.37 18.84
N GLU B 52 20.59 -0.48 18.15
CA GLU B 52 20.09 0.88 17.91
C GLU B 52 18.91 0.90 16.93
N LEU B 53 18.70 -0.23 16.25
CA LEU B 53 17.62 -0.33 15.28
C LEU B 53 16.40 -1.05 15.83
N SER B 54 16.31 -1.05 17.15
CA SER B 54 15.20 -1.67 17.86
C SER B 54 14.63 -0.61 18.78
N LEU B 55 13.39 -0.79 19.18
CA LEU B 55 12.74 0.15 20.05
C LEU B 55 11.73 -0.68 20.79
N GLY B 56 11.74 -0.59 22.11
CA GLY B 56 10.82 -1.36 22.92
C GLY B 56 9.97 -0.44 23.75
N TRP B 57 8.74 -0.87 24.00
CA TRP B 57 7.80 -0.12 24.81
C TRP B 57 7.76 -0.84 26.15
N PHE B 58 8.21 -0.15 27.18
CA PHE B 58 8.24 -0.69 28.53
C PHE B 58 7.25 0.05 29.43
N VAL B 59 6.17 -0.62 29.82
CA VAL B 59 5.19 -0.03 30.70
C VAL B 59 5.73 -0.18 32.13
N GLU B 60 6.50 0.82 32.53
CA GLU B 60 7.14 0.85 33.85
C GLU B 60 7.87 -0.45 34.15
N GLY B 61 8.96 -0.65 33.41
CA GLY B 61 9.78 -1.84 33.57
C GLY B 61 9.37 -3.04 32.73
N ARG B 62 8.09 -3.19 32.46
CA ARG B 62 7.61 -4.33 31.69
C ARG B 62 7.54 -4.11 30.18
N LEU B 63 8.18 -4.99 29.42
CA LEU B 63 8.17 -4.92 27.96
C LEU B 63 6.79 -5.34 27.45
N VAL B 64 6.16 -4.47 26.66
CA VAL B 64 4.84 -4.78 26.12
C VAL B 64 4.80 -4.80 24.60
N ALA B 65 5.82 -4.27 23.96
CA ALA B 65 5.86 -4.22 22.50
C ALA B 65 7.25 -3.82 22.06
N PHE B 66 7.63 -4.20 20.85
CA PHE B 66 8.94 -3.83 20.35
C PHE B 66 9.06 -4.07 18.86
N ILE B 67 10.06 -3.43 18.27
CA ILE B 67 10.35 -3.59 16.85
C ILE B 67 11.84 -3.83 16.80
N ILE B 68 12.27 -4.77 15.99
CA ILE B 68 13.70 -5.05 15.87
C ILE B 68 14.07 -5.02 14.40
N GLY B 69 14.98 -4.13 14.03
CA GLY B 69 15.39 -4.04 12.63
C GLY B 69 16.89 -4.05 12.48
N SER B 70 17.37 -4.08 11.24
CA SER B 70 18.80 -4.05 10.97
C SER B 70 18.96 -3.20 9.73
N LEU B 71 20.16 -3.17 9.15
CA LEU B 71 20.37 -2.39 7.94
C LEU B 71 20.44 -3.30 6.72
N TRP B 72 19.94 -2.80 5.59
CA TRP B 72 19.97 -3.54 4.35
C TRP B 72 20.56 -2.60 3.30
N ASP B 73 21.38 -3.14 2.40
CA ASP B 73 22.03 -2.35 1.36
C ASP B 73 21.56 -2.52 -0.09
N GLU B 74 20.83 -3.61 -0.37
CA GLU B 74 20.31 -3.85 -1.73
C GLU B 74 18.92 -3.23 -1.93
N GLU B 75 18.61 -2.90 -3.18
CA GLU B 75 17.33 -2.27 -3.54
C GLU B 75 16.09 -3.08 -3.13
N ARG B 76 16.21 -4.41 -3.15
CA ARG B 76 15.09 -5.26 -2.78
C ARG B 76 15.55 -6.26 -1.73
N LEU B 77 14.61 -6.73 -0.92
CA LEU B 77 14.89 -7.69 0.14
C LEU B 77 14.94 -9.11 -0.44
N THR B 78 15.76 -9.98 0.15
CA THR B 78 15.88 -11.35 -0.31
C THR B 78 15.88 -12.29 0.87
N GLN B 79 15.80 -13.59 0.57
CA GLN B 79 15.84 -14.60 1.62
C GLN B 79 17.21 -14.39 2.29
N GLU B 80 17.37 -14.89 3.50
CA GLU B 80 18.66 -14.73 4.19
C GLU B 80 18.85 -13.31 4.72
N SER B 81 18.41 -12.30 3.96
CA SER B 81 18.52 -10.91 4.38
C SER B 81 17.65 -10.65 5.60
N LEU B 82 16.91 -11.68 5.99
CA LEU B 82 16.06 -11.66 7.16
C LEU B 82 16.92 -12.04 8.37
N ALA B 83 18.14 -12.47 8.08
CA ALA B 83 19.07 -12.90 9.11
C ALA B 83 20.37 -12.13 9.13
N LEU B 84 20.40 -10.94 8.53
CA LEU B 84 21.66 -10.20 8.52
C LEU B 84 21.61 -8.68 8.57
N HIS B 85 22.78 -8.10 8.85
CA HIS B 85 22.93 -6.66 8.94
C HIS B 85 23.97 -6.22 7.89
N ARG B 86 23.66 -5.13 7.20
CA ARG B 86 24.55 -4.59 6.18
C ARG B 86 24.89 -3.12 6.47
N PRO B 87 26.04 -2.87 7.15
CA PRO B 87 26.52 -1.53 7.52
C PRO B 87 26.61 -0.53 6.36
N ARG B 88 26.91 -1.02 5.17
CA ARG B 88 27.01 -0.16 4.00
C ARG B 88 25.62 0.22 3.43
N GLY B 89 24.56 -0.30 4.05
CA GLY B 89 23.22 -0.01 3.59
C GLY B 89 22.63 1.22 4.23
N HIS B 90 21.54 1.73 3.64
CA HIS B 90 20.87 2.92 4.15
C HIS B 90 19.38 2.66 4.39
N SER B 91 19.00 1.38 4.49
CA SER B 91 17.61 1.05 4.71
C SER B 91 17.41 0.23 5.97
N ALA B 92 16.54 0.72 6.85
CA ALA B 92 16.23 0.07 8.12
C ALA B 92 15.20 -1.02 7.84
N HIS B 93 15.64 -2.26 7.89
CA HIS B 93 14.80 -3.42 7.62
C HIS B 93 14.13 -3.89 8.90
N LEU B 94 12.83 -3.61 9.07
CA LEU B 94 12.14 -4.04 10.30
C LEU B 94 11.84 -5.52 10.19
N HIS B 95 12.43 -6.31 11.07
CA HIS B 95 12.23 -7.74 11.05
C HIS B 95 11.04 -8.18 11.89
N ALA B 96 10.86 -7.53 13.03
CA ALA B 96 9.76 -7.86 13.92
C ALA B 96 9.11 -6.62 14.50
N LEU B 97 7.78 -6.68 14.60
CA LEU B 97 6.95 -5.61 15.15
C LEU B 97 5.93 -6.38 15.99
N ALA B 98 6.32 -6.75 17.20
CA ALA B 98 5.47 -7.54 18.08
C ALA B 98 4.89 -6.77 19.24
N VAL B 99 3.83 -7.33 19.82
CA VAL B 99 3.11 -6.77 20.96
C VAL B 99 2.78 -7.96 21.88
N HIS B 100 2.72 -7.71 23.18
CA HIS B 100 2.39 -8.74 24.15
C HIS B 100 0.96 -9.22 23.92
N ARG B 101 0.70 -10.51 24.15
CA ARG B 101 -0.63 -11.09 23.97
C ARG B 101 -1.76 -10.31 24.62
N SER B 102 -1.56 -9.95 25.89
CA SER B 102 -2.57 -9.22 26.65
C SER B 102 -2.57 -7.69 26.46
N PHE B 103 -2.20 -7.23 25.27
CA PHE B 103 -2.16 -5.80 24.97
C PHE B 103 -2.53 -5.54 23.50
N ARG B 104 -2.96 -6.60 22.82
CA ARG B 104 -3.32 -6.56 21.39
C ARG B 104 -4.03 -5.30 20.84
N GLN B 105 -5.34 -5.28 20.92
CA GLN B 105 -6.14 -4.18 20.38
C GLN B 105 -6.07 -2.84 21.13
N GLN B 106 -4.90 -2.51 21.68
CA GLN B 106 -4.75 -1.25 22.40
C GLN B 106 -4.11 -0.13 21.57
N GLY B 107 -3.82 -0.42 20.30
CA GLY B 107 -3.23 0.58 19.44
C GLY B 107 -1.78 0.86 19.77
N LYS B 108 -1.14 -0.08 20.46
CA LYS B 108 0.25 0.05 20.86
C LYS B 108 1.14 -0.02 19.63
N GLY B 109 0.74 -0.84 18.66
CA GLY B 109 1.50 -1.03 17.44
C GLY B 109 1.72 0.23 16.62
N SER B 110 0.65 0.97 16.37
CA SER B 110 0.73 2.19 15.58
C SER B 110 1.63 3.19 16.30
N VAL B 111 1.39 3.37 17.59
CA VAL B 111 2.18 4.29 18.41
C VAL B 111 3.65 3.90 18.32
N LEU B 112 3.94 2.61 18.44
CA LEU B 112 5.32 2.14 18.39
C LEU B 112 5.96 2.35 17.03
N LEU B 113 5.20 2.13 15.96
CA LEU B 113 5.75 2.28 14.61
C LEU B 113 6.13 3.73 14.35
N TRP B 114 5.23 4.65 14.65
CA TRP B 114 5.50 6.07 14.48
C TRP B 114 6.78 6.44 15.20
N ARG B 115 6.81 6.13 16.49
CA ARG B 115 7.98 6.41 17.32
C ARG B 115 9.26 5.77 16.75
N TYR B 116 9.15 4.53 16.26
CA TYR B 116 10.31 3.83 15.68
C TYR B 116 10.84 4.51 14.42
N LEU B 117 9.94 4.99 13.57
CA LEU B 117 10.34 5.64 12.33
C LEU B 117 11.03 6.92 12.69
N HIS B 118 10.50 7.62 13.69
CA HIS B 118 11.12 8.86 14.14
C HIS B 118 12.50 8.56 14.77
N HIS B 119 12.62 7.42 15.46
CA HIS B 119 13.88 7.02 16.09
C HIS B 119 15.01 6.69 15.11
N VAL B 120 14.78 5.72 14.22
CA VAL B 120 15.80 5.32 13.25
C VAL B 120 16.04 6.43 12.23
N GLY B 121 15.11 7.38 12.17
CA GLY B 121 15.24 8.50 11.26
C GLY B 121 16.30 9.48 11.72
N ALA B 122 16.52 9.55 13.05
CA ALA B 122 17.52 10.45 13.63
C ALA B 122 18.95 10.05 13.27
N GLN B 123 19.14 8.77 12.94
CA GLN B 123 20.45 8.25 12.56
C GLN B 123 20.73 8.61 11.10
N PRO B 124 21.89 9.26 10.83
CA PRO B 124 22.32 9.69 9.50
C PRO B 124 22.59 8.62 8.43
N ALA B 125 22.57 7.35 8.82
CA ALA B 125 22.80 6.26 7.86
C ALA B 125 21.50 5.70 7.29
N VAL B 126 20.41 5.83 8.04
CA VAL B 126 19.10 5.31 7.61
C VAL B 126 18.34 6.35 6.76
N ARG B 127 18.27 6.11 5.46
CA ARG B 127 17.58 7.01 4.56
C ARG B 127 16.13 6.58 4.34
N ARG B 128 15.83 5.30 4.61
CA ARG B 128 14.47 4.78 4.45
C ARG B 128 14.26 3.45 5.15
N ALA B 129 13.00 3.13 5.46
CA ALA B 129 12.65 1.89 6.13
C ALA B 129 12.04 0.91 5.12
N VAL B 130 12.35 -0.38 5.29
CA VAL B 130 11.81 -1.41 4.41
C VAL B 130 11.27 -2.59 5.21
N LEU B 131 10.19 -3.19 4.73
CA LEU B 131 9.56 -4.33 5.38
C LEU B 131 8.70 -5.09 4.39
N MET B 132 8.12 -6.19 4.85
CA MET B 132 7.27 -7.03 4.01
C MET B 132 5.99 -7.33 4.78
N CYS B 133 4.89 -7.46 4.07
CA CYS B 133 3.62 -7.76 4.70
C CYS B 133 2.71 -8.47 3.72
N GLU B 134 1.59 -8.96 4.21
CA GLU B 134 0.62 -9.62 3.38
C GLU B 134 -0.37 -8.56 2.89
N ASP B 135 -1.10 -8.86 1.82
CA ASP B 135 -2.07 -7.94 1.22
C ASP B 135 -2.91 -7.15 2.21
N ALA B 136 -3.47 -7.83 3.20
CA ALA B 136 -4.33 -7.18 4.19
C ALA B 136 -3.68 -6.03 4.98
N LEU B 137 -2.36 -6.06 5.12
CA LEU B 137 -1.65 -5.02 5.86
C LEU B 137 -1.08 -3.87 5.04
N VAL B 138 -1.03 -4.03 3.73
CA VAL B 138 -0.50 -2.97 2.89
C VAL B 138 -1.17 -1.61 3.22
N PRO B 139 -2.53 -1.54 3.20
CA PRO B 139 -3.17 -0.25 3.51
C PRO B 139 -2.82 0.28 4.92
N PHE B 140 -2.52 -0.62 5.84
CA PHE B 140 -2.14 -0.22 7.19
C PHE B 140 -0.78 0.44 7.16
N TYR B 141 0.20 -0.18 6.52
CA TYR B 141 1.55 0.40 6.44
C TYR B 141 1.63 1.67 5.62
N GLN B 142 0.65 1.88 4.73
CA GLN B 142 0.61 3.09 3.93
C GLN B 142 0.35 4.32 4.79
N ARG B 143 -0.31 4.12 5.93
CA ARG B 143 -0.59 5.21 6.86
C ARG B 143 0.65 5.90 7.49
N PHE B 144 1.77 5.18 7.53
CA PHE B 144 3.02 5.68 8.10
C PHE B 144 4.03 6.14 7.05
N GLY B 145 3.60 6.19 5.79
CA GLY B 145 4.47 6.59 4.69
C GLY B 145 4.96 5.48 3.78
N PHE B 146 4.70 4.24 4.16
CA PHE B 146 5.12 3.12 3.31
C PHE B 146 4.35 3.09 2.00
N HIS B 147 5.01 2.57 0.97
CA HIS B 147 4.42 2.43 -0.37
C HIS B 147 4.79 1.04 -0.85
N PRO B 148 3.82 0.32 -1.42
CA PRO B 148 4.11 -1.03 -1.90
C PRO B 148 5.07 -0.92 -3.10
N ALA B 149 6.26 -1.48 -2.96
CA ALA B 149 7.26 -1.45 -4.03
C ALA B 149 7.05 -2.55 -5.09
N GLY B 150 6.32 -3.59 -4.72
CA GLY B 150 6.07 -4.72 -5.61
C GLY B 150 6.21 -5.95 -4.75
N PRO B 151 5.96 -7.17 -5.29
CA PRO B 151 6.12 -8.33 -4.41
C PRO B 151 7.60 -8.57 -4.11
N CYS B 152 7.90 -9.41 -3.12
CA CYS B 152 9.30 -9.72 -2.82
C CYS B 152 9.54 -11.22 -2.76
N ALA B 153 10.77 -11.61 -3.09
CA ALA B 153 11.20 -13.00 -3.13
C ALA B 153 11.12 -13.78 -1.83
N ILE B 154 10.95 -13.09 -0.70
CA ILE B 154 10.87 -13.77 0.59
C ILE B 154 9.55 -14.51 0.72
N VAL B 155 9.64 -15.83 0.86
CA VAL B 155 8.47 -16.66 1.03
C VAL B 155 8.70 -17.51 2.28
N VAL B 156 8.04 -17.13 3.36
CA VAL B 156 8.19 -17.89 4.59
C VAL B 156 7.14 -18.99 4.61
N GLY B 157 7.64 -20.22 4.46
CA GLY B 157 6.76 -21.37 4.46
C GLY B 157 5.85 -21.33 3.25
N SER B 158 4.68 -20.73 3.42
CA SER B 158 3.68 -20.65 2.36
C SER B 158 3.26 -19.24 1.99
N LEU B 159 3.31 -18.33 2.97
CA LEU B 159 2.89 -16.95 2.79
C LEU B 159 3.68 -16.15 1.76
N THR B 160 2.95 -15.33 0.99
CA THR B 160 3.55 -14.46 -0.02
C THR B 160 3.48 -13.05 0.56
N PHE B 161 4.43 -12.20 0.18
CA PHE B 161 4.47 -10.85 0.70
C PHE B 161 4.65 -9.77 -0.34
N THR B 162 4.42 -8.54 0.09
CA THR B 162 4.55 -7.35 -0.74
C THR B 162 5.58 -6.50 0.02
N GLU B 163 6.57 -5.98 -0.71
CA GLU B 163 7.62 -5.17 -0.10
C GLU B 163 7.25 -3.69 0.04
N MET B 164 7.25 -3.21 1.28
CA MET B 164 6.90 -1.83 1.59
C MET B 164 8.12 -0.94 1.87
N HIS B 165 8.17 0.21 1.21
CA HIS B 165 9.25 1.18 1.38
C HIS B 165 8.72 2.50 1.92
N CYS B 166 9.46 3.09 2.85
CA CYS B 166 9.07 4.38 3.45
C CYS B 166 10.29 5.32 3.46
N SER B 167 10.22 6.39 2.67
CA SER B 167 11.32 7.35 2.59
C SER B 167 11.47 8.17 3.86
N LEU B 168 12.62 8.02 4.53
CA LEU B 168 12.89 8.75 5.74
C LEU B 168 13.57 10.06 5.36
N ARG B 169 12.85 11.15 5.62
CA ARG B 169 13.28 12.50 5.31
C ARG B 169 12.31 13.34 6.14
N GLY B 170 11.03 12.99 6.00
CA GLY B 170 9.99 13.67 6.73
C GLY B 170 9.62 15.03 6.19
N HIS B 171 8.87 15.78 7.00
CA HIS B 171 8.44 17.13 6.63
C HIS B 171 9.44 18.16 7.14
N ALA B 172 10.68 17.71 7.33
CA ALA B 172 11.76 18.58 7.79
C ALA B 172 12.11 19.58 6.68
N ALA B 173 11.98 19.13 5.43
CA ALA B 173 12.26 19.98 4.27
C ALA B 173 11.15 21.02 4.12
N LEU B 174 11.03 21.88 5.14
CA LEU B 174 10.03 22.93 5.18
C LEU B 174 10.31 23.95 4.10
#